data_6D0L
#
_entry.id   6D0L
#
_cell.length_a   41.890
_cell.length_b   46.360
_cell.length_c   48.800
_cell.angle_alpha   92.31
_cell.angle_beta   108.07
_cell.angle_gamma   105.75
#
_symmetry.space_group_name_H-M   'P 1'
#
loop_
_entity.id
_entity.type
_entity.pdbx_description
1 polymer 'Tudor-interacting repair regulator protein'
2 water water
#
_entity_poly.entity_id   1
_entity_poly.type   'polypeptide(L)'
_entity_poly.pdbx_seq_one_letter_code
;MVPELKQISRVEAMRLGPGWSHSCHAMLYAANPGQLFGRIPMRFSVLMQMRFDGLLGFPGGFVDRRFWSLEDGLNRVLGL
GLGCLRLTEADYLSSHLTEGPHRVVAHLYARQLTLEQLHAVEISAVHSRDHGLEVLGLVRVPLYTQKDRVGGFPNFLSNA
FVSTAKCQLLFALKVLNMMPEEKLVEALAAATEKQKKALEKLLPASS
;
_entity_poly.pdbx_strand_id   A,B
#
# COMPACT_ATOMS: atom_id res chain seq x y z
N GLU A 4 5.42 -7.76 -19.93
CA GLU A 4 4.20 -8.32 -20.51
C GLU A 4 4.24 -9.85 -20.52
N LEU A 5 3.15 -10.47 -20.11
CA LEU A 5 3.03 -11.92 -20.04
C LEU A 5 2.34 -12.47 -21.28
N LYS A 6 2.55 -13.76 -21.53
CA LYS A 6 1.94 -14.43 -22.67
C LYS A 6 0.46 -14.68 -22.41
N GLN A 7 -0.39 -14.21 -23.32
CA GLN A 7 -1.83 -14.33 -23.18
C GLN A 7 -2.32 -15.64 -23.79
N ILE A 8 -3.48 -16.08 -23.32
CA ILE A 8 -4.08 -17.33 -23.76
C ILE A 8 -5.59 -17.26 -23.57
N SER A 9 -6.33 -17.89 -24.48
CA SER A 9 -7.78 -17.86 -24.36
C SER A 9 -8.23 -18.70 -23.16
N ARG A 10 -9.43 -18.40 -22.67
CA ARG A 10 -9.98 -19.14 -21.54
C ARG A 10 -10.09 -20.63 -21.85
N VAL A 11 -10.69 -20.97 -23.00
CA VAL A 11 -10.94 -22.37 -23.28
C VAL A 11 -9.63 -23.13 -23.45
N GLU A 12 -8.62 -22.49 -24.05
CA GLU A 12 -7.32 -23.13 -24.15
C GLU A 12 -6.61 -23.21 -22.80
N ALA A 13 -6.88 -22.26 -21.91
CA ALA A 13 -6.30 -22.31 -20.58
C ALA A 13 -6.89 -23.45 -19.75
N MET A 14 -8.17 -23.77 -19.94
CA MET A 14 -8.82 -24.78 -19.14
C MET A 14 -8.56 -26.20 -19.63
N ARG A 15 -7.82 -26.37 -20.73
CA ARG A 15 -7.44 -27.69 -21.21
C ARG A 15 -5.98 -28.00 -20.94
N LEU A 16 -5.25 -27.11 -20.26
CA LEU A 16 -3.88 -27.40 -19.90
C LEU A 16 -3.83 -28.57 -18.93
N GLY A 17 -2.70 -29.28 -18.94
CA GLY A 17 -2.54 -30.49 -18.16
C GLY A 17 -2.67 -30.25 -16.67
N PRO A 18 -2.71 -31.33 -15.89
CA PRO A 18 -2.81 -31.19 -14.44
C PRO A 18 -1.60 -30.53 -13.82
N GLY A 19 -0.49 -30.35 -14.53
CA GLY A 19 0.67 -29.64 -14.02
C GLY A 19 0.52 -28.14 -13.95
N TRP A 20 -0.59 -27.59 -14.42
CA TRP A 20 -0.82 -26.15 -14.41
C TRP A 20 -1.81 -25.80 -13.30
N SER A 21 -1.45 -24.85 -12.46
CA SER A 21 -2.35 -24.31 -11.45
CA SER A 21 -2.35 -24.31 -11.45
C SER A 21 -2.96 -23.00 -11.93
N HIS A 22 -4.12 -22.67 -11.37
CA HIS A 22 -4.88 -21.51 -11.81
C HIS A 22 -5.06 -20.51 -10.68
N SER A 23 -4.98 -19.25 -11.03
CA SER A 23 -5.30 -18.16 -10.11
C SER A 23 -6.35 -17.28 -10.75
N CYS A 24 -7.15 -16.64 -9.90
CA CYS A 24 -8.14 -15.67 -10.33
C CYS A 24 -8.03 -14.42 -9.47
N HIS A 25 -7.95 -13.27 -10.12
CA HIS A 25 -7.91 -12.00 -9.41
C HIS A 25 -8.91 -11.06 -10.06
N ALA A 26 -9.39 -10.11 -9.26
CA ALA A 26 -10.41 -9.17 -9.68
C ALA A 26 -9.88 -7.75 -9.59
N MET A 27 -9.99 -7.02 -10.70
CA MET A 27 -9.77 -5.58 -10.70
C MET A 27 -11.14 -4.91 -10.60
N LEU A 28 -11.41 -4.36 -9.43
CA LEU A 28 -12.64 -3.63 -9.17
C LEU A 28 -12.31 -2.13 -9.25
N TYR A 29 -13.10 -1.41 -10.04
CA TYR A 29 -12.83 0.00 -10.26
C TYR A 29 -14.13 0.73 -10.50
N ALA A 30 -14.08 2.05 -10.33
CA ALA A 30 -15.22 2.91 -10.57
C ALA A 30 -14.77 4.18 -11.28
N ALA A 31 -15.57 4.63 -12.23
CA ALA A 31 -15.35 5.97 -12.79
C ALA A 31 -15.42 6.98 -11.66
N ASN A 32 -14.50 7.93 -11.67
CA ASN A 32 -14.43 8.96 -10.63
C ASN A 32 -14.47 10.32 -11.30
N PRO A 33 -15.51 11.13 -11.07
CA PRO A 33 -15.58 12.45 -11.69
C PRO A 33 -14.91 13.56 -10.90
N GLY A 34 -14.37 13.26 -9.74
CA GLY A 34 -13.78 14.29 -8.93
C GLY A 34 -12.43 14.74 -9.45
N GLN A 35 -11.91 15.78 -8.82
CA GLN A 35 -10.58 16.29 -9.14
C GLN A 35 -9.83 16.50 -7.84
N LEU A 36 -8.52 16.36 -7.91
CA LEU A 36 -7.63 16.50 -6.76
C LEU A 36 -7.03 17.90 -6.75
N PHE A 37 -7.09 18.55 -5.59
CA PHE A 37 -6.49 19.86 -5.39
C PHE A 37 -7.00 20.85 -6.43
N GLY A 38 -8.27 20.72 -6.78
CA GLY A 38 -8.93 21.69 -7.63
C GLY A 38 -8.54 21.68 -9.08
N ARG A 39 -7.63 20.80 -9.51
CA ARG A 39 -7.30 20.80 -10.92
C ARG A 39 -6.97 19.46 -11.58
N ILE A 40 -6.69 18.42 -10.79
CA ILE A 40 -6.24 17.14 -11.33
C ILE A 40 -7.44 16.20 -11.40
N PRO A 41 -7.88 15.81 -12.59
CA PRO A 41 -8.97 14.82 -12.67
C PRO A 41 -8.48 13.44 -12.25
N MET A 42 -9.29 12.76 -11.45
CA MET A 42 -8.93 11.43 -10.95
C MET A 42 -9.27 10.31 -11.92
N ARG A 43 -10.24 10.52 -12.80
CA ARG A 43 -10.59 9.57 -13.86
CA ARG A 43 -10.59 9.57 -13.86
C ARG A 43 -11.22 8.30 -13.32
N PHE A 44 -10.43 7.47 -12.65
CA PHE A 44 -10.90 6.20 -12.14
C PHE A 44 -10.28 5.94 -10.77
N SER A 45 -11.02 5.23 -9.93
CA SER A 45 -10.49 4.67 -8.69
C SER A 45 -10.45 3.16 -8.84
N VAL A 46 -9.27 2.58 -8.65
CA VAL A 46 -9.05 1.15 -8.79
C VAL A 46 -8.57 0.61 -7.44
N LEU A 47 -9.08 -0.55 -7.06
CA LEU A 47 -8.75 -1.17 -5.78
C LEU A 47 -7.64 -2.20 -5.95
N MET A 48 -6.61 -2.07 -5.13
CA MET A 48 -5.57 -3.08 -4.94
C MET A 48 -5.42 -3.27 -3.43
N GLN A 49 -4.48 -4.11 -3.02
CA GLN A 49 -4.35 -4.41 -1.59
C GLN A 49 -2.92 -4.78 -1.23
N MET A 50 -2.59 -4.52 0.02
CA MET A 50 -1.31 -4.90 0.61
C MET A 50 -1.46 -6.32 1.13
N ARG A 51 -0.62 -7.22 0.62
CA ARG A 51 -0.61 -8.62 0.99
C ARG A 51 0.26 -8.87 2.23
N PHE A 52 0.08 -10.06 2.83
CA PHE A 52 0.84 -10.44 4.01
C PHE A 52 2.34 -10.49 3.74
N ASP A 53 2.75 -10.69 2.50
CA ASP A 53 4.16 -10.74 2.15
C ASP A 53 4.71 -9.36 1.77
N GLY A 54 3.97 -8.29 2.06
CA GLY A 54 4.46 -6.94 1.89
C GLY A 54 4.42 -6.41 0.48
N LEU A 55 3.72 -7.08 -0.42
CA LEU A 55 3.62 -6.70 -1.81
C LEU A 55 2.20 -6.26 -2.14
N LEU A 56 2.08 -5.37 -3.12
CA LEU A 56 0.77 -4.96 -3.64
C LEU A 56 0.29 -5.95 -4.69
N GLY A 57 -1.01 -6.27 -4.65
CA GLY A 57 -1.62 -7.13 -5.63
C GLY A 57 -3.11 -6.87 -5.70
N PHE A 58 -3.79 -7.73 -6.44
CA PHE A 58 -5.23 -7.65 -6.55
C PHE A 58 -5.92 -8.61 -5.58
N PRO A 59 -7.16 -8.33 -5.18
CA PRO A 59 -7.96 -9.34 -4.51
C PRO A 59 -8.06 -10.60 -5.37
N GLY A 60 -8.03 -11.76 -4.71
CA GLY A 60 -8.11 -13.04 -5.35
C GLY A 60 -7.01 -13.94 -4.88
N GLY A 61 -6.72 -14.96 -5.68
CA GLY A 61 -5.66 -15.90 -5.35
C GLY A 61 -5.87 -17.23 -6.06
N PHE A 62 -5.27 -18.26 -5.50
CA PHE A 62 -5.34 -19.59 -6.07
C PHE A 62 -6.78 -20.08 -6.11
N VAL A 63 -7.14 -20.70 -7.22
CA VAL A 63 -8.46 -21.30 -7.40
C VAL A 63 -8.27 -22.71 -7.93
N ASP A 64 -8.73 -23.71 -7.16
CA ASP A 64 -8.62 -25.10 -7.58
C ASP A 64 -9.76 -25.39 -8.55
N ARG A 65 -9.43 -25.49 -9.84
CA ARG A 65 -10.43 -25.70 -10.87
C ARG A 65 -11.09 -27.07 -10.78
N ARG A 66 -10.48 -28.01 -10.07
CA ARG A 66 -11.06 -29.34 -9.95
C ARG A 66 -12.35 -29.31 -9.13
N PHE A 67 -12.42 -28.40 -8.15
CA PHE A 67 -13.53 -28.37 -7.20
C PHE A 67 -14.62 -27.38 -7.56
N TRP A 68 -14.26 -26.30 -8.27
N TRP A 68 -14.29 -26.30 -8.26
CA TRP A 68 -15.15 -25.19 -8.54
CA TRP A 68 -15.31 -25.32 -8.60
C TRP A 68 -14.91 -24.66 -9.95
C TRP A 68 -14.91 -24.57 -9.85
N SER A 69 -15.92 -23.98 -10.49
CA SER A 69 -15.69 -23.10 -11.62
C SER A 69 -14.73 -21.98 -11.23
N LEU A 70 -14.07 -21.39 -12.23
CA LEU A 70 -13.23 -20.23 -11.96
C LEU A 70 -14.01 -19.17 -11.22
N GLU A 71 -15.26 -18.92 -11.62
CA GLU A 71 -16.07 -17.89 -10.98
C GLU A 71 -16.39 -18.27 -9.54
N ASP A 72 -16.89 -19.49 -9.32
CA ASP A 72 -17.19 -19.95 -7.97
C ASP A 72 -15.96 -19.83 -7.08
N GLY A 73 -14.81 -20.27 -7.58
CA GLY A 73 -13.60 -20.26 -6.78
C GLY A 73 -13.11 -18.85 -6.48
N LEU A 74 -13.19 -17.96 -7.47
CA LEU A 74 -12.84 -16.56 -7.24
C LEU A 74 -13.75 -15.95 -6.18
N ASN A 75 -15.06 -16.18 -6.29
CA ASN A 75 -15.99 -15.60 -5.33
C ASN A 75 -15.78 -16.13 -3.92
N ARG A 76 -15.38 -17.40 -3.78
CA ARG A 76 -15.03 -17.91 -2.46
C ARG A 76 -13.86 -17.12 -1.87
N VAL A 77 -12.80 -16.94 -2.65
CA VAL A 77 -11.67 -16.15 -2.19
C VAL A 77 -12.10 -14.72 -1.86
N LEU A 78 -12.80 -14.07 -2.80
CA LEU A 78 -13.27 -12.71 -2.53
C LEU A 78 -14.11 -12.67 -1.27
N GLY A 79 -14.87 -13.72 -1.00
CA GLY A 79 -15.68 -13.75 0.21
C GLY A 79 -14.84 -13.58 1.46
N LEU A 80 -13.64 -14.16 1.47
CA LEU A 80 -12.76 -14.08 2.63
C LEU A 80 -12.00 -12.76 2.67
N GLY A 81 -11.62 -12.21 1.52
CA GLY A 81 -10.75 -11.05 1.48
C GLY A 81 -11.47 -9.74 1.27
N LEU A 82 -12.71 -9.81 0.82
CA LEU A 82 -13.56 -8.63 0.64
C LEU A 82 -14.89 -8.88 1.36
N GLY A 83 -15.46 -10.04 1.19
CA GLY A 83 -16.72 -10.36 1.80
C GLY A 83 -17.88 -9.56 1.26
N CYS A 84 -18.00 -9.38 -0.03
CA CYS A 84 -19.09 -8.56 -0.55
C CYS A 84 -19.88 -9.14 -1.72
N LEU A 85 -19.26 -9.16 -2.90
CA LEU A 85 -19.95 -9.52 -4.12
C LEU A 85 -19.66 -10.78 -4.86
N ARG A 86 -20.37 -10.97 -5.95
CA ARG A 86 -20.28 -12.22 -6.69
C ARG A 86 -20.03 -11.90 -8.16
N LEU A 87 -18.81 -12.12 -8.62
CA LEU A 87 -18.49 -11.93 -10.02
C LEU A 87 -18.98 -13.13 -10.84
N THR A 88 -18.99 -12.96 -12.15
CA THR A 88 -19.50 -14.00 -13.04
C THR A 88 -18.64 -14.04 -14.30
N GLU A 89 -18.97 -14.98 -15.18
CA GLU A 89 -18.22 -15.13 -16.42
C GLU A 89 -18.21 -13.85 -17.24
N ALA A 90 -19.28 -13.06 -17.14
CA ALA A 90 -19.32 -11.81 -17.90
C ALA A 90 -18.22 -10.86 -17.48
N ASP A 91 -17.74 -10.99 -16.25
CA ASP A 91 -16.67 -10.15 -15.75
C ASP A 91 -15.29 -10.67 -16.14
N TYR A 92 -15.21 -11.85 -16.75
CA TYR A 92 -13.92 -12.37 -17.14
C TYR A 92 -13.26 -11.44 -18.16
N LEU A 93 -11.97 -11.20 -17.99
CA LEU A 93 -11.23 -10.32 -18.86
C LEU A 93 -10.13 -11.01 -19.65
N SER A 94 -9.27 -11.77 -18.99
CA SER A 94 -8.09 -12.31 -19.66
C SER A 94 -7.53 -13.49 -18.89
N SER A 95 -6.70 -14.27 -19.57
CA SER A 95 -5.86 -15.29 -18.95
C SER A 95 -4.44 -15.14 -19.46
N HIS A 96 -3.47 -15.26 -18.55
CA HIS A 96 -2.06 -15.10 -18.87
C HIS A 96 -1.27 -16.24 -18.26
N LEU A 97 -0.18 -16.60 -18.92
CA LEU A 97 0.74 -17.61 -18.42
C LEU A 97 1.89 -16.92 -17.71
N THR A 98 2.16 -17.34 -16.48
N THR A 98 2.16 -17.36 -16.49
CA THR A 98 3.25 -16.76 -15.70
CA THR A 98 3.26 -16.83 -15.69
C THR A 98 4.59 -17.29 -16.21
C THR A 98 4.46 -17.77 -15.75
N GLU A 99 5.64 -16.77 -15.59
N GLU A 99 5.65 -17.20 -15.57
CA GLU A 99 6.99 -17.18 -15.95
CA GLU A 99 6.88 -17.99 -15.59
C GLU A 99 7.37 -18.42 -15.13
C GLU A 99 7.17 -18.56 -14.21
N HIS A 102 7.25 -22.26 -12.19
CA HIS A 102 5.90 -22.29 -11.65
C HIS A 102 4.88 -22.08 -12.75
N ARG A 103 4.31 -23.18 -13.25
CA ARG A 103 3.36 -23.13 -14.36
C ARG A 103 2.00 -22.71 -13.81
N VAL A 104 1.71 -21.41 -13.89
CA VAL A 104 0.48 -20.84 -13.35
C VAL A 104 -0.23 -20.10 -14.47
N VAL A 105 -1.53 -20.35 -14.62
CA VAL A 105 -2.39 -19.57 -15.49
C VAL A 105 -3.11 -18.55 -14.63
N ALA A 106 -2.88 -17.28 -14.89
CA ALA A 106 -3.45 -16.19 -14.11
C ALA A 106 -4.66 -15.62 -14.85
N HIS A 107 -5.85 -15.84 -14.30
CA HIS A 107 -7.07 -15.32 -14.88
C HIS A 107 -7.39 -13.97 -14.24
N LEU A 108 -7.76 -13.01 -15.08
CA LEU A 108 -8.06 -11.65 -14.64
C LEU A 108 -9.52 -11.37 -14.89
N TYR A 109 -10.24 -11.00 -13.84
CA TYR A 109 -11.60 -10.53 -13.90
C TYR A 109 -11.62 -9.04 -13.57
N ALA A 110 -12.62 -8.33 -14.09
CA ALA A 110 -12.73 -6.90 -13.81
C ALA A 110 -14.19 -6.50 -13.91
N ARG A 111 -14.59 -5.56 -13.05
CA ARG A 111 -15.93 -5.00 -13.17
C ARG A 111 -15.90 -3.54 -12.75
N GLN A 112 -16.53 -2.71 -13.56
CA GLN A 112 -16.78 -1.32 -13.20
C GLN A 112 -17.93 -1.29 -12.20
N LEU A 113 -17.66 -0.74 -11.03
CA LEU A 113 -18.66 -0.53 -9.99
C LEU A 113 -19.03 0.95 -9.93
N THR A 114 -20.17 1.22 -9.31
CA THR A 114 -20.48 2.58 -8.93
C THR A 114 -19.52 3.01 -7.82
N LEU A 115 -19.33 4.32 -7.71
CA LEU A 115 -18.49 4.82 -6.63
C LEU A 115 -19.00 4.35 -5.27
N GLU A 116 -20.32 4.28 -5.13
CA GLU A 116 -20.93 3.87 -3.87
C GLU A 116 -20.55 2.44 -3.53
N GLN A 117 -20.65 1.53 -4.50
CA GLN A 117 -20.29 0.15 -4.21
C GLN A 117 -18.79 0.01 -3.98
N LEU A 118 -17.97 0.74 -4.74
CA LEU A 118 -16.54 0.68 -4.53
C LEU A 118 -16.20 1.02 -3.08
N HIS A 119 -16.85 2.03 -2.52
CA HIS A 119 -16.64 2.37 -1.12
C HIS A 119 -17.22 1.30 -0.19
N ALA A 120 -18.35 0.70 -0.56
CA ALA A 120 -18.90 -0.39 0.23
C ALA A 120 -17.97 -1.58 0.24
N VAL A 121 -17.24 -1.83 -0.84
CA VAL A 121 -16.26 -2.91 -0.83
C VAL A 121 -15.14 -2.60 0.17
N GLU A 122 -14.65 -1.37 0.17
CA GLU A 122 -13.59 -1.00 1.12
C GLU A 122 -14.09 -1.15 2.56
N ILE A 123 -15.35 -0.81 2.81
CA ILE A 123 -15.90 -0.93 4.15
C ILE A 123 -15.99 -2.40 4.55
N SER A 124 -16.47 -3.25 3.65
CA SER A 124 -16.56 -4.68 3.96
CA SER A 124 -16.56 -4.68 3.96
C SER A 124 -15.18 -5.30 4.11
N ALA A 125 -14.19 -4.82 3.35
CA ALA A 125 -12.85 -5.39 3.43
C ALA A 125 -12.28 -5.26 4.84
N VAL A 126 -12.46 -4.11 5.50
CA VAL A 126 -11.90 -3.93 6.82
CA VAL A 126 -11.91 -3.92 6.83
C VAL A 126 -12.54 -4.86 7.84
N HIS A 127 -13.72 -5.40 7.54
CA HIS A 127 -14.41 -6.32 8.43
C HIS A 127 -14.24 -7.78 8.00
N SER A 128 -13.47 -8.05 6.95
CA SER A 128 -13.39 -9.39 6.38
CA SER A 128 -13.39 -9.39 6.39
C SER A 128 -12.53 -10.30 7.25
N ARG A 129 -12.69 -11.61 7.04
CA ARG A 129 -11.94 -12.60 7.81
CA ARG A 129 -11.93 -12.60 7.81
C ARG A 129 -10.44 -12.49 7.54
N ASP A 130 -10.06 -12.22 6.29
CA ASP A 130 -8.65 -12.12 5.93
C ASP A 130 -7.99 -10.83 6.40
N HIS A 131 -8.75 -9.83 6.82
CA HIS A 131 -8.16 -8.56 7.19
C HIS A 131 -7.28 -8.71 8.43
N GLY A 132 -6.04 -8.27 8.34
CA GLY A 132 -5.09 -8.45 9.40
C GLY A 132 -4.34 -9.76 9.37
N LEU A 133 -4.63 -10.63 8.40
CA LEU A 133 -3.88 -11.87 8.23
C LEU A 133 -3.27 -11.88 6.83
N GLU A 134 -3.98 -12.44 5.85
CA GLU A 134 -3.47 -12.45 4.48
CA GLU A 134 -3.47 -12.46 4.48
C GLU A 134 -3.60 -11.10 3.79
N VAL A 135 -4.53 -10.26 4.22
CA VAL A 135 -4.77 -8.95 3.61
C VAL A 135 -4.48 -7.89 4.66
N LEU A 136 -3.59 -6.97 4.35
CA LEU A 136 -3.16 -5.96 5.31
C LEU A 136 -3.75 -4.60 5.04
N GLY A 137 -4.62 -4.48 4.05
CA GLY A 137 -5.28 -3.21 3.76
C GLY A 137 -5.44 -2.94 2.28
N LEU A 138 -6.59 -2.41 1.90
CA LEU A 138 -6.86 -2.02 0.54
C LEU A 138 -6.31 -0.62 0.26
N VAL A 139 -5.87 -0.40 -0.97
CA VAL A 139 -5.40 0.91 -1.40
C VAL A 139 -6.01 1.21 -2.76
N ARG A 140 -6.33 2.47 -2.99
CA ARG A 140 -6.77 2.92 -4.30
C ARG A 140 -5.55 3.33 -5.11
N VAL A 141 -5.59 3.01 -6.40
CA VAL A 141 -4.54 3.39 -7.35
C VAL A 141 -4.79 4.83 -7.80
N PRO A 142 -3.83 5.74 -7.63
CA PRO A 142 -3.96 7.05 -8.28
C PRO A 142 -3.52 6.96 -9.74
N LEU A 143 -4.44 7.26 -10.65
CA LEU A 143 -4.16 7.15 -12.08
C LEU A 143 -3.66 8.45 -12.69
N TYR A 144 -3.78 9.55 -11.97
CA TYR A 144 -3.29 10.85 -12.41
C TYR A 144 -1.79 10.95 -12.16
N THR A 145 -1.18 11.95 -12.80
CA THR A 145 0.22 12.29 -12.56
C THR A 145 0.28 13.78 -12.23
N GLN A 146 1.03 14.13 -11.20
CA GLN A 146 1.11 15.51 -10.77
C GLN A 146 2.10 16.28 -11.65
N LYS A 147 2.16 17.60 -11.40
CA LYS A 147 2.99 18.48 -12.21
C LYS A 147 4.45 18.03 -12.22
N ASP A 148 4.94 17.48 -11.11
CA ASP A 148 6.33 17.06 -11.03
C ASP A 148 6.61 15.76 -11.81
N ARG A 149 5.59 15.20 -12.45
CA ARG A 149 5.72 14.04 -13.34
C ARG A 149 6.01 12.72 -12.63
N VAL A 150 5.99 12.69 -11.30
CA VAL A 150 6.14 11.43 -10.57
C VAL A 150 4.98 11.26 -9.60
N GLY A 151 4.49 12.36 -9.04
CA GLY A 151 3.39 12.31 -8.10
C GLY A 151 2.18 11.59 -8.63
N GLY A 152 1.63 10.66 -7.85
CA GLY A 152 0.48 9.91 -8.27
C GLY A 152 0.81 8.55 -8.86
N PHE A 153 0.42 8.34 -10.12
CA PHE A 153 0.55 7.02 -10.73
C PHE A 153 1.99 6.56 -10.87
N PRO A 154 2.95 7.38 -11.30
CA PRO A 154 4.34 6.89 -11.35
C PRO A 154 4.86 6.46 -9.98
N ASN A 155 4.74 7.31 -8.97
CA ASN A 155 5.10 6.91 -7.61
C ASN A 155 4.41 5.61 -7.22
N PHE A 156 3.11 5.49 -7.51
CA PHE A 156 2.41 4.29 -7.12
C PHE A 156 3.00 3.05 -7.81
N LEU A 157 3.30 3.15 -9.10
CA LEU A 157 3.90 2.04 -9.82
C LEU A 157 5.32 1.74 -9.33
N SER A 158 5.95 2.67 -8.62
CA SER A 158 7.27 2.43 -8.06
C SER A 158 7.24 1.60 -6.78
N ASN A 159 6.06 1.25 -6.28
CA ASN A 159 5.95 0.37 -5.14
C ASN A 159 6.29 -1.07 -5.54
N ALA A 160 6.19 -1.98 -4.58
CA ALA A 160 6.60 -3.37 -4.76
C ALA A 160 5.36 -4.21 -4.99
N PHE A 161 5.29 -4.85 -6.15
CA PHE A 161 4.09 -5.57 -6.58
C PHE A 161 4.37 -7.06 -6.71
N VAL A 162 3.31 -7.85 -6.58
CA VAL A 162 3.29 -9.16 -7.22
C VAL A 162 3.47 -8.91 -8.70
N SER A 163 4.50 -9.54 -9.29
CA SER A 163 4.81 -9.29 -10.70
CA SER A 163 4.81 -9.30 -10.70
C SER A 163 3.58 -9.47 -11.58
N THR A 164 2.82 -10.55 -11.36
CA THR A 164 1.63 -10.78 -12.18
C THR A 164 0.63 -9.63 -12.03
N ALA A 165 0.48 -9.09 -10.81
CA ALA A 165 -0.51 -8.07 -10.57
C ALA A 165 -0.19 -6.79 -11.32
N LYS A 166 1.09 -6.40 -11.35
CA LYS A 166 1.49 -5.18 -12.04
C LYS A 166 1.25 -5.31 -13.54
N CYS A 167 1.59 -6.46 -14.11
CA CYS A 167 1.26 -6.72 -15.51
C CYS A 167 -0.24 -6.66 -15.74
N GLN A 168 -1.01 -7.30 -14.87
CA GLN A 168 -2.46 -7.32 -15.03
C GLN A 168 -3.04 -5.91 -14.96
N LEU A 169 -2.63 -5.13 -13.95
CA LEU A 169 -3.12 -3.77 -13.83
C LEU A 169 -2.91 -2.98 -15.12
N LEU A 170 -1.68 -3.00 -15.63
CA LEU A 170 -1.37 -2.23 -16.83
C LEU A 170 -2.09 -2.78 -18.04
N PHE A 171 -2.23 -4.11 -18.12
CA PHE A 171 -2.99 -4.71 -19.21
C PHE A 171 -4.45 -4.27 -19.16
N ALA A 172 -5.08 -4.38 -17.99
CA ALA A 172 -6.49 -4.07 -17.87
C ALA A 172 -6.76 -2.61 -18.20
N LEU A 173 -5.94 -1.70 -17.66
CA LEU A 173 -6.13 -0.28 -17.93
C LEU A 173 -6.11 0.00 -19.43
N LYS A 174 -5.24 -0.69 -20.17
CA LYS A 174 -5.19 -0.53 -21.61
C LYS A 174 -6.46 -1.03 -22.26
N VAL A 175 -6.75 -2.33 -22.11
CA VAL A 175 -7.80 -2.96 -22.91
C VAL A 175 -9.18 -2.47 -22.50
N LEU A 176 -9.32 -1.96 -21.27
CA LEU A 176 -10.58 -1.36 -20.85
C LEU A 176 -10.66 0.13 -21.21
N ASN A 177 -9.70 0.64 -21.97
CA ASN A 177 -9.69 2.03 -22.44
C ASN A 177 -9.77 3.02 -21.28
N MET A 178 -9.15 2.68 -20.17
CA MET A 178 -9.08 3.57 -19.01
C MET A 178 -7.91 4.53 -19.08
N MET A 179 -6.84 4.16 -19.78
CA MET A 179 -5.67 5.01 -19.95
CA MET A 179 -5.67 5.01 -19.95
C MET A 179 -5.05 4.69 -21.29
N PRO A 180 -4.69 5.69 -22.09
CA PRO A 180 -4.02 5.40 -23.36
C PRO A 180 -2.71 4.66 -23.11
N GLU A 181 -2.38 3.73 -24.01
CA GLU A 181 -1.19 2.89 -23.79
C GLU A 181 0.06 3.74 -23.63
N GLU A 182 0.17 4.82 -24.40
CA GLU A 182 1.39 5.63 -24.31
C GLU A 182 1.49 6.32 -22.95
N LYS A 183 0.36 6.60 -22.31
CA LYS A 183 0.37 7.20 -20.99
C LYS A 183 0.71 6.17 -19.92
N LEU A 184 0.28 4.93 -20.12
CA LEU A 184 0.65 3.86 -19.20
C LEU A 184 2.15 3.61 -19.24
N VAL A 185 2.73 3.53 -20.43
CA VAL A 185 4.15 3.25 -20.54
CA VAL A 185 4.16 3.25 -20.55
C VAL A 185 4.97 4.47 -20.14
N GLU A 186 4.46 5.67 -20.37
CA GLU A 186 5.11 6.87 -19.88
C GLU A 186 5.20 6.86 -18.35
N ALA A 187 4.11 6.50 -17.68
CA ALA A 187 4.10 6.46 -16.22
C ALA A 187 5.00 5.35 -15.69
N LEU A 188 5.00 4.19 -16.37
CA LEU A 188 5.90 3.11 -15.96
C LEU A 188 7.36 3.53 -16.08
N ALA A 189 7.69 4.28 -17.15
CA ALA A 189 9.06 4.75 -17.32
C ALA A 189 9.43 5.73 -16.22
N ALA A 190 8.53 6.64 -15.87
CA ALA A 190 8.77 7.58 -14.78
C ALA A 190 8.90 6.87 -13.43
N ALA A 191 8.10 5.82 -13.23
CA ALA A 191 8.24 5.00 -12.04
C ALA A 191 9.62 4.35 -11.95
N THR A 192 10.10 3.80 -13.07
CA THR A 192 11.41 3.16 -13.07
C THR A 192 12.52 4.17 -12.81
N GLU A 193 12.41 5.36 -13.38
CA GLU A 193 13.40 6.40 -13.08
C GLU A 193 13.27 6.89 -11.64
N LYS A 194 12.05 6.88 -11.08
CA LYS A 194 11.89 7.22 -9.68
C LYS A 194 12.57 6.18 -8.77
N GLN A 195 12.39 4.89 -9.09
CA GLN A 195 13.06 3.85 -8.32
C GLN A 195 14.57 4.00 -8.38
N LYS A 196 15.10 4.34 -9.55
CA LYS A 196 16.55 4.57 -9.67
C LYS A 196 16.98 5.77 -8.86
N LYS A 197 16.19 6.85 -8.86
CA LYS A 197 16.53 8.02 -8.08
C LYS A 197 16.59 7.70 -6.60
N ALA A 198 15.61 6.93 -6.10
CA ALA A 198 15.61 6.59 -4.68
C ALA A 198 16.72 5.62 -4.35
N LEU A 199 16.96 4.63 -5.20
CA LEU A 199 18.00 3.63 -4.92
C LEU A 199 19.38 4.26 -4.85
N GLU A 200 19.66 5.25 -5.70
CA GLU A 200 20.98 5.86 -5.75
C GLU A 200 21.38 6.46 -4.40
N LYS A 201 20.40 6.89 -3.61
CA LYS A 201 20.70 7.51 -2.33
C LYS A 201 21.20 6.51 -1.30
N LEU A 202 20.98 5.22 -1.52
CA LEU A 202 21.36 4.17 -0.59
C LEU A 202 22.41 3.22 -1.13
N LEU A 203 22.32 2.87 -2.42
CA LEU A 203 23.12 1.80 -3.00
C LEU A 203 23.36 2.13 -4.47
N PRO A 204 24.12 3.19 -4.74
CA PRO A 204 24.34 3.60 -6.13
C PRO A 204 25.36 2.72 -6.83
N ALA A 205 25.20 2.61 -8.14
CA ALA A 205 26.20 1.96 -8.96
C ALA A 205 27.43 2.86 -9.12
N SER A 206 28.51 2.30 -9.64
CA SER A 206 29.73 3.05 -9.88
C SER A 206 30.03 3.14 -11.37
N LEU B 5 18.72 11.48 9.70
CA LEU B 5 18.17 12.79 9.90
C LEU B 5 18.63 13.36 11.22
N LYS B 6 18.94 14.63 11.22
CA LYS B 6 19.41 15.26 12.45
C LYS B 6 18.23 15.41 13.42
N GLN B 7 18.35 14.80 14.58
CA GLN B 7 17.31 14.85 15.58
C GLN B 7 17.50 16.03 16.51
N ILE B 8 16.39 16.53 17.06
CA ILE B 8 16.39 17.62 18.01
C ILE B 8 15.24 17.51 18.97
N SER B 9 15.44 18.11 20.13
CA SER B 9 14.46 17.97 21.21
C SER B 9 13.23 18.82 20.93
N ARG B 10 12.16 18.54 21.69
CA ARG B 10 10.91 19.25 21.48
C ARG B 10 11.06 20.74 21.74
N VAL B 11 11.66 21.10 22.88
CA VAL B 11 11.78 22.52 23.23
C VAL B 11 12.64 23.24 22.21
N GLU B 12 13.73 22.60 21.75
CA GLU B 12 14.58 23.22 20.75
C GLU B 12 13.88 23.31 19.40
N ALA B 13 12.90 22.44 19.15
CA ALA B 13 12.13 22.54 17.91
C ALA B 13 11.32 23.84 17.86
N MET B 14 10.65 24.16 18.97
CA MET B 14 9.78 25.33 18.99
CA MET B 14 9.78 25.33 18.99
C MET B 14 10.56 26.63 18.91
N ARG B 15 11.87 26.61 19.20
CA ARG B 15 12.69 27.80 19.07
C ARG B 15 13.41 27.86 17.73
N LEU B 16 13.06 26.98 16.79
CA LEU B 16 13.68 27.01 15.47
C LEU B 16 13.42 28.35 14.78
N GLY B 17 12.34 29.03 15.12
CA GLY B 17 12.03 30.32 14.57
C GLY B 17 10.87 30.26 13.59
N PRO B 18 10.29 31.41 13.28
CA PRO B 18 9.14 31.42 12.35
C PRO B 18 9.46 30.92 10.95
N GLY B 19 10.72 30.99 10.52
CA GLY B 19 11.08 30.57 9.18
C GLY B 19 10.90 29.09 8.94
N TRP B 20 10.86 28.29 10.01
CA TRP B 20 10.68 26.86 9.89
C TRP B 20 9.20 26.50 9.95
N SER B 21 8.77 25.64 9.04
CA SER B 21 7.43 25.07 9.07
C SER B 21 7.45 23.71 9.76
N HIS B 22 6.31 23.33 10.32
CA HIS B 22 6.22 22.15 11.18
C HIS B 22 5.20 21.19 10.60
N SER B 23 5.58 19.92 10.54
CA SER B 23 4.68 18.84 10.20
C SER B 23 4.57 17.90 11.40
N CYS B 24 3.40 17.31 11.58
CA CYS B 24 3.17 16.36 12.66
C CYS B 24 2.59 15.08 12.08
N HIS B 25 3.15 13.94 12.47
CA HIS B 25 2.65 12.65 12.02
C HIS B 25 2.57 11.69 13.20
N ALA B 26 1.68 10.71 13.07
CA ALA B 26 1.36 9.80 14.15
C ALA B 26 1.62 8.37 13.70
N MET B 27 2.38 7.64 14.50
CA MET B 27 2.60 6.21 14.30
C MET B 27 1.74 5.47 15.30
N LEU B 28 0.65 4.89 14.82
CA LEU B 28 -0.23 4.11 15.67
C LEU B 28 0.12 2.64 15.53
N TYR B 29 0.31 1.97 16.65
CA TYR B 29 0.73 0.57 16.60
C TYR B 29 0.14 -0.19 17.76
N ALA B 30 0.17 -1.52 17.63
CA ALA B 30 -0.37 -2.40 18.65
C ALA B 30 0.47 -3.65 18.71
N ALA B 31 0.64 -4.18 19.92
CA ALA B 31 1.19 -5.52 20.07
C ALA B 31 0.29 -6.51 19.35
N ASN B 32 0.89 -7.43 18.61
CA ASN B 32 0.12 -8.42 17.85
C ASN B 32 0.56 -9.81 18.28
N PRO B 33 -0.22 -10.51 19.10
CA PRO B 33 0.15 -11.86 19.51
C PRO B 33 -0.15 -12.93 18.47
N GLY B 34 -0.76 -12.56 17.34
CA GLY B 34 -1.04 -13.54 16.32
C GLY B 34 0.23 -14.11 15.72
N GLN B 35 0.06 -15.24 15.05
CA GLN B 35 1.14 -15.88 14.31
C GLN B 35 0.65 -16.14 12.89
N LEU B 36 1.36 -15.60 11.91
CA LEU B 36 1.00 -15.79 10.51
C LEU B 36 1.06 -17.27 10.16
N PHE B 37 -0.07 -17.82 9.72
CA PHE B 37 -0.16 -19.23 9.36
C PHE B 37 0.23 -20.14 10.53
N GLY B 38 0.20 -19.62 11.75
CA GLY B 38 0.51 -20.43 12.91
C GLY B 38 1.95 -20.81 13.04
N ARG B 39 2.88 -19.95 12.59
CA ARG B 39 4.29 -20.27 12.68
C ARG B 39 5.16 -19.07 13.03
N ILE B 40 4.84 -17.91 12.47
CA ILE B 40 5.73 -16.76 12.54
C ILE B 40 5.06 -15.68 13.38
N PRO B 41 5.61 -15.31 14.53
CA PRO B 41 5.01 -14.24 15.33
C PRO B 41 4.94 -12.93 14.56
N MET B 42 3.80 -12.26 14.66
CA MET B 42 3.63 -10.98 14.00
C MET B 42 4.25 -9.82 14.79
N ARG B 43 4.44 -9.99 16.10
CA ARG B 43 5.14 -9.01 16.93
C ARG B 43 4.30 -7.74 17.13
N PHE B 44 4.31 -6.84 16.14
CA PHE B 44 3.50 -5.64 16.21
C PHE B 44 2.86 -5.36 14.87
N SER B 45 1.76 -4.61 14.91
CA SER B 45 1.12 -4.06 13.73
C SER B 45 1.17 -2.54 13.80
N VAL B 46 1.64 -1.92 12.73
CA VAL B 46 1.77 -0.46 12.65
C VAL B 46 0.93 0.03 11.47
N LEU B 47 0.24 1.14 11.66
CA LEU B 47 -0.61 1.70 10.62
C LEU B 47 0.18 2.70 9.79
N MET B 48 0.14 2.54 8.49
CA MET B 48 0.63 3.51 7.53
C MET B 48 -0.48 3.71 6.51
N GLN B 49 -0.33 4.71 5.65
CA GLN B 49 -1.37 5.04 4.69
C GLN B 49 -0.75 5.25 3.32
N MET B 50 -1.52 4.87 2.29
CA MET B 50 -1.18 5.19 0.93
C MET B 50 -1.68 6.61 0.64
N ARG B 51 -0.77 7.47 0.21
CA ARG B 51 -1.08 8.89 0.03
C ARG B 51 -1.57 9.18 -1.38
N PHE B 52 -2.11 10.39 -1.56
CA PHE B 52 -2.60 10.82 -2.86
C PHE B 52 -1.51 10.78 -3.92
N ASP B 53 -0.24 10.98 -3.51
CA ASP B 53 0.86 10.99 -4.45
C ASP B 53 1.48 9.62 -4.64
N GLY B 54 0.82 8.56 -4.19
CA GLY B 54 1.25 7.20 -4.47
C GLY B 54 2.34 6.67 -3.59
N LEU B 55 2.71 7.40 -2.54
CA LEU B 55 3.73 7.01 -1.60
C LEU B 55 3.10 6.60 -0.27
N LEU B 56 3.75 5.67 0.42
CA LEU B 56 3.36 5.31 1.78
C LEU B 56 3.93 6.30 2.77
N GLY B 57 3.13 6.68 3.76
CA GLY B 57 3.56 7.56 4.81
C GLY B 57 2.72 7.38 6.05
N PHE B 58 2.92 8.30 7.04
CA PHE B 58 2.11 8.23 8.24
C PHE B 58 0.96 9.23 8.17
N PRO B 59 -0.15 8.96 8.83
CA PRO B 59 -1.20 9.99 8.98
C PRO B 59 -0.62 11.24 9.61
N GLY B 60 -1.20 12.39 9.25
CA GLY B 60 -0.79 13.68 9.75
C GLY B 60 -0.56 14.65 8.61
N GLY B 61 0.15 15.73 8.89
CA GLY B 61 0.40 16.74 7.89
C GLY B 61 1.01 17.99 8.48
N PHE B 62 0.90 19.10 7.75
CA PHE B 62 1.44 20.37 8.21
C PHE B 62 0.57 20.95 9.33
N VAL B 63 1.22 21.71 10.21
CA VAL B 63 0.55 22.33 11.34
C VAL B 63 0.96 23.80 11.41
N ASP B 64 -0.03 24.68 11.55
CA ASP B 64 0.22 26.13 11.69
C ASP B 64 0.32 26.42 13.19
N ARG B 65 1.55 26.55 13.69
CA ARG B 65 1.76 26.72 15.12
C ARG B 65 1.28 28.07 15.64
N ARG B 66 0.83 28.97 14.77
CA ARG B 66 0.27 30.23 15.22
C ARG B 66 -1.20 30.14 15.56
N PHE B 67 -1.87 29.04 15.22
CA PHE B 67 -3.30 28.85 15.50
CA PHE B 67 -3.29 28.85 15.52
C PHE B 67 -3.61 27.54 16.22
N TRP B 68 -2.76 26.53 16.11
CA TRP B 68 -2.97 25.26 16.80
C TRP B 68 -1.70 24.89 17.54
N SER B 69 -1.87 24.21 18.67
CA SER B 69 -0.75 23.46 19.24
C SER B 69 -0.40 22.30 18.32
N LEU B 70 0.83 21.80 18.45
CA LEU B 70 1.23 20.65 17.64
C LEU B 70 0.25 19.51 17.79
N GLU B 71 -0.27 19.31 19.00
CA GLU B 71 -1.20 18.21 19.24
C GLU B 71 -2.58 18.50 18.67
N ASP B 72 -3.07 19.73 18.82
CA ASP B 72 -4.36 20.09 18.25
C ASP B 72 -4.31 20.03 16.72
N GLY B 73 -3.26 20.60 16.13
CA GLY B 73 -3.11 20.55 14.69
C GLY B 73 -3.07 19.12 14.17
N LEU B 74 -2.23 18.28 14.79
CA LEU B 74 -2.15 16.88 14.38
C LEU B 74 -3.52 16.23 14.39
N ASN B 75 -4.27 16.39 15.48
CA ASN B 75 -5.56 15.71 15.60
C ASN B 75 -6.53 16.12 14.51
N ARG B 76 -6.42 17.34 13.99
CA ARG B 76 -7.29 17.78 12.91
C ARG B 76 -6.89 17.20 11.56
N VAL B 77 -5.66 16.72 11.42
CA VAL B 77 -5.11 16.33 10.12
C VAL B 77 -4.92 14.82 10.00
N LEU B 78 -5.22 14.05 11.05
CA LEU B 78 -4.96 12.61 11.00
C LEU B 78 -5.65 11.95 9.81
N GLY B 79 -6.85 12.42 9.46
CA GLY B 79 -7.59 11.77 8.40
C GLY B 79 -7.96 10.34 8.72
N LEU B 80 -8.35 10.07 9.97
CA LEU B 80 -8.68 8.74 10.43
C LEU B 80 -10.13 8.61 10.87
N GLY B 81 -10.90 9.68 10.83
CA GLY B 81 -12.30 9.65 11.24
C GLY B 81 -12.48 10.01 12.70
N LEU B 85 -9.41 8.43 18.14
CA LEU B 85 -8.41 8.68 19.17
C LEU B 85 -7.87 10.09 19.07
N ARG B 86 -7.54 10.69 20.21
CA ARG B 86 -6.96 12.02 20.27
C ARG B 86 -5.58 11.93 20.91
N LEU B 87 -4.55 12.32 20.16
CA LEU B 87 -3.18 12.25 20.65
CA LEU B 87 -3.19 12.24 20.66
C LEU B 87 -2.87 13.45 21.54
N THR B 88 -1.96 13.24 22.49
CA THR B 88 -1.64 14.25 23.49
C THR B 88 -0.14 14.51 23.51
N GLU B 89 0.27 15.42 24.40
CA GLU B 89 1.67 15.77 24.53
CA GLU B 89 1.67 15.77 24.52
C GLU B 89 2.50 14.54 24.86
N ALA B 90 1.98 13.64 25.70
CA ALA B 90 2.72 12.47 26.13
C ALA B 90 3.03 11.53 24.99
N ASP B 91 2.25 11.57 23.91
CA ASP B 91 2.50 10.71 22.76
C ASP B 91 3.65 11.22 21.89
N TYR B 92 4.17 12.42 22.16
CA TYR B 92 5.30 12.92 21.40
C TYR B 92 6.47 11.95 21.50
N LEU B 93 7.16 11.76 20.39
CA LEU B 93 8.29 10.83 20.34
C LEU B 93 9.59 11.52 19.95
N SER B 94 9.62 12.21 18.82
CA SER B 94 10.86 12.81 18.36
C SER B 94 10.55 13.89 17.33
N SER B 95 11.56 14.71 17.07
CA SER B 95 11.51 15.72 16.01
C SER B 95 12.76 15.59 15.16
N HIS B 96 12.58 15.73 13.84
CA HIS B 96 13.67 15.58 12.90
C HIS B 96 13.63 16.72 11.88
N LEU B 97 14.79 17.08 11.36
CA LEU B 97 14.92 18.14 10.37
C LEU B 97 15.00 17.53 9.03
N THR B 98 14.03 17.77 8.16
CA THR B 98 13.95 17.17 6.83
C THR B 98 15.19 17.53 6.01
N GLU B 99 15.54 16.64 5.09
CA GLU B 99 16.70 16.84 4.22
C GLU B 99 16.60 18.15 3.45
N HIS B 102 13.48 21.69 3.40
CA HIS B 102 13.29 23.07 3.02
C HIS B 102 12.79 23.69 4.25
N ARG B 103 13.57 23.55 5.29
CA ARG B 103 13.20 24.05 6.61
C ARG B 103 11.81 23.54 7.02
N VAL B 104 11.76 22.24 7.24
CA VAL B 104 10.59 21.58 7.80
C VAL B 104 11.05 20.74 8.98
N VAL B 105 10.44 20.97 10.15
CA VAL B 105 10.68 20.16 11.32
C VAL B 105 9.57 19.12 11.39
N ALA B 106 9.93 17.85 11.27
CA ALA B 106 8.97 16.76 11.29
C ALA B 106 8.84 16.24 12.72
N HIS B 107 7.68 16.47 13.33
CA HIS B 107 7.39 15.91 14.64
C HIS B 107 6.72 14.56 14.48
N LEU B 108 7.19 13.57 15.23
CA LEU B 108 6.64 12.23 15.19
C LEU B 108 6.00 11.91 16.54
N TYR B 109 4.73 11.54 16.51
CA TYR B 109 4.00 11.08 17.67
C TYR B 109 3.73 9.59 17.52
N ALA B 110 3.70 8.89 18.65
CA ALA B 110 3.47 7.45 18.64
C ALA B 110 2.62 7.08 19.85
N ARG B 111 1.67 6.16 19.64
CA ARG B 111 0.88 5.64 20.75
CA ARG B 111 0.88 5.64 20.75
C ARG B 111 0.59 4.17 20.52
N GLN B 112 0.90 3.35 21.53
CA GLN B 112 0.55 1.95 21.50
C GLN B 112 -0.92 1.79 21.83
N LEU B 113 -1.64 1.10 20.96
CA LEU B 113 -3.04 0.74 21.17
C LEU B 113 -3.14 -0.77 21.30
N THR B 114 -4.30 -1.22 21.77
CA THR B 114 -4.66 -2.62 21.62
C THR B 114 -4.95 -2.90 20.15
N LEU B 115 -4.78 -4.17 19.75
CA LEU B 115 -5.04 -4.53 18.36
C LEU B 115 -6.48 -4.18 17.98
N GLU B 116 -7.43 -4.41 18.89
CA GLU B 116 -8.82 -4.10 18.61
C GLU B 116 -9.04 -2.60 18.42
N GLN B 117 -8.34 -1.78 19.19
CA GLN B 117 -8.41 -0.34 18.98
C GLN B 117 -7.80 0.04 17.63
N LEU B 118 -6.69 -0.60 17.27
CA LEU B 118 -6.09 -0.35 15.95
C LEU B 118 -7.07 -0.69 14.85
N HIS B 119 -7.77 -1.81 14.99
CA HIS B 119 -8.82 -2.18 14.05
C HIS B 119 -9.91 -1.13 14.00
N ALA B 120 -10.30 -0.60 15.16
CA ALA B 120 -11.34 0.42 15.20
C ALA B 120 -10.90 1.69 14.47
N VAL B 121 -9.61 2.02 14.50
CA VAL B 121 -9.12 3.16 13.73
C VAL B 121 -9.25 2.88 12.23
N GLU B 122 -8.87 1.68 11.81
CA GLU B 122 -9.03 1.29 10.40
C GLU B 122 -10.49 1.41 9.97
N ILE B 123 -11.42 0.98 10.83
CA ILE B 123 -12.83 1.03 10.48
C ILE B 123 -13.30 2.47 10.40
N SER B 124 -12.85 3.32 11.34
CA SER B 124 -13.21 4.72 11.27
C SER B 124 -12.57 5.41 10.08
N ALA B 125 -11.37 4.99 9.70
CA ALA B 125 -10.64 5.65 8.62
C ALA B 125 -11.33 5.48 7.28
N VAL B 126 -11.92 4.31 7.03
CA VAL B 126 -12.61 4.09 5.76
CA VAL B 126 -12.62 4.08 5.76
C VAL B 126 -13.86 4.94 5.63
N HIS B 127 -14.31 5.58 6.71
CA HIS B 127 -15.45 6.48 6.68
C HIS B 127 -15.07 7.95 6.75
N SER B 128 -13.77 8.27 6.79
CA SER B 128 -13.35 9.65 6.95
C SER B 128 -13.56 10.44 5.66
N ARG B 129 -13.71 11.76 5.82
CA ARG B 129 -13.87 12.65 4.67
C ARG B 129 -12.64 12.68 3.80
N ASP B 130 -11.46 12.36 4.34
CA ASP B 130 -10.24 12.31 3.56
C ASP B 130 -10.12 11.07 2.69
N HIS B 131 -10.90 10.04 2.97
CA HIS B 131 -10.76 8.77 2.25
C HIS B 131 -11.16 8.93 0.79
N GLY B 132 -10.30 8.43 -0.10
CA GLY B 132 -10.55 8.52 -1.52
C GLY B 132 -10.12 9.81 -2.17
N LEU B 133 -9.46 10.70 -1.44
CA LEU B 133 -8.92 11.92 -2.01
C LEU B 133 -7.46 12.08 -1.62
N GLU B 134 -7.21 12.53 -0.38
CA GLU B 134 -5.85 12.65 0.13
C GLU B 134 -5.31 11.32 0.67
N VAL B 135 -6.19 10.48 1.22
CA VAL B 135 -5.82 9.18 1.75
C VAL B 135 -6.47 8.10 0.88
N LEU B 136 -5.65 7.21 0.35
CA LEU B 136 -6.14 6.18 -0.55
C LEU B 136 -6.28 4.83 0.13
N GLY B 137 -5.96 4.75 1.42
CA GLY B 137 -6.12 3.52 2.18
C GLY B 137 -5.06 3.41 3.26
N LEU B 138 -5.36 2.59 4.25
CA LEU B 138 -4.44 2.27 5.32
CA LEU B 138 -4.43 2.28 5.32
C LEU B 138 -3.90 0.86 5.13
N VAL B 139 -2.64 0.66 5.46
CA VAL B 139 -2.03 -0.66 5.42
C VAL B 139 -1.39 -0.93 6.77
N ARG B 140 -1.36 -2.19 7.17
CA ARG B 140 -0.62 -2.62 8.34
C ARG B 140 0.78 -3.05 7.92
N VAL B 141 1.78 -2.58 8.66
CA VAL B 141 3.17 -2.95 8.41
C VAL B 141 3.38 -4.37 8.90
N PRO B 142 3.80 -5.29 8.05
CA PRO B 142 4.22 -6.61 8.55
C PRO B 142 5.66 -6.53 9.06
N LEU B 143 5.85 -6.86 10.33
CA LEU B 143 7.17 -6.78 10.94
C LEU B 143 7.90 -8.12 10.96
N TYR B 144 7.22 -9.22 10.60
CA TYR B 144 7.86 -10.52 10.46
C TYR B 144 8.63 -10.61 9.15
N THR B 145 9.57 -11.54 9.10
CA THR B 145 10.25 -11.90 7.85
C THR B 145 10.11 -13.40 7.63
N GLN B 146 9.63 -13.77 6.44
CA GLN B 146 9.42 -15.17 6.14
C GLN B 146 10.74 -15.87 5.87
N LYS B 147 10.67 -17.20 5.69
CA LYS B 147 11.89 -17.99 5.57
C LYS B 147 12.68 -17.63 4.31
N ASP B 148 12.00 -17.13 3.28
CA ASP B 148 12.72 -16.73 2.06
C ASP B 148 13.52 -15.44 2.23
N ARG B 149 13.45 -14.82 3.41
CA ARG B 149 14.23 -13.64 3.79
CA ARG B 149 14.26 -13.64 3.77
C ARG B 149 13.74 -12.35 3.14
N VAL B 150 12.61 -12.38 2.43
CA VAL B 150 12.07 -11.15 1.85
C VAL B 150 10.59 -11.01 2.18
N GLY B 151 9.90 -12.14 2.27
CA GLY B 151 8.48 -12.14 2.59
C GLY B 151 8.20 -11.37 3.86
N GLY B 152 7.28 -10.42 3.79
CA GLY B 152 6.93 -9.62 4.94
C GLY B 152 7.63 -8.27 4.97
N PHE B 153 8.38 -8.02 6.06
CA PHE B 153 8.91 -6.68 6.32
C PHE B 153 9.90 -6.22 5.25
N PRO B 154 10.85 -7.03 4.78
CA PRO B 154 11.73 -6.53 3.72
C PRO B 154 10.98 -6.14 2.45
N ASN B 155 10.10 -7.01 1.95
CA ASN B 155 9.25 -6.62 0.82
C ASN B 155 8.54 -5.30 1.10
N PHE B 156 7.95 -5.17 2.29
CA PHE B 156 7.24 -3.95 2.64
C PHE B 156 8.15 -2.75 2.52
N LEU B 157 9.37 -2.84 3.06
CA LEU B 157 10.31 -1.72 3.00
C LEU B 157 10.79 -1.43 1.59
N SER B 158 10.56 -2.35 0.64
CA SER B 158 10.93 -2.12 -0.75
C SER B 158 9.87 -1.33 -1.52
N ASN B 159 8.74 -1.02 -0.90
CA ASN B 159 7.74 -0.14 -1.49
C ASN B 159 8.29 1.29 -1.55
N ALA B 160 7.44 2.23 -1.97
CA ALA B 160 7.83 3.63 -2.13
C ALA B 160 7.27 4.44 -0.97
N PHE B 161 8.15 5.16 -0.28
CA PHE B 161 7.78 5.91 0.91
C PHE B 161 8.04 7.40 0.74
N VAL B 162 7.27 8.20 1.47
CA VAL B 162 7.74 9.53 1.84
C VAL B 162 9.04 9.35 2.62
N SER B 163 10.10 10.02 2.18
CA SER B 163 11.43 9.72 2.72
C SER B 163 11.46 9.92 4.24
N THR B 164 10.80 10.98 4.73
CA THR B 164 10.76 11.19 6.16
C THR B 164 10.02 10.08 6.89
N ALA B 165 8.94 9.55 6.27
CA ALA B 165 8.13 8.54 6.92
C ALA B 165 8.92 7.25 7.12
N LYS B 166 9.69 6.84 6.11
CA LYS B 166 10.47 5.61 6.22
C LYS B 166 11.51 5.72 7.31
N CYS B 167 12.17 6.88 7.42
CA CYS B 167 13.15 7.09 8.47
C CYS B 167 12.48 7.16 9.83
N GLN B 168 11.34 7.85 9.92
CA GLN B 168 10.57 7.87 11.16
C GLN B 168 10.15 6.47 11.59
N LEU B 169 9.73 5.63 10.63
CA LEU B 169 9.33 4.27 10.99
C LEU B 169 10.50 3.50 11.57
N LEU B 170 11.63 3.46 10.85
CA LEU B 170 12.77 2.69 11.31
C LEU B 170 13.30 3.23 12.64
N PHE B 171 13.29 4.55 12.81
CA PHE B 171 13.71 5.15 14.07
C PHE B 171 12.76 4.76 15.19
N ALA B 172 11.45 4.87 14.96
CA ALA B 172 10.49 4.58 16.02
C ALA B 172 10.55 3.12 16.44
N LEU B 173 10.65 2.20 15.47
CA LEU B 173 10.71 0.78 15.80
C LEU B 173 11.89 0.49 16.72
N LYS B 174 13.01 1.18 16.52
CA LYS B 174 14.17 0.96 17.37
C LYS B 174 13.93 1.53 18.78
N VAL B 175 13.68 2.83 18.86
CA VAL B 175 13.64 3.49 20.17
C VAL B 175 12.49 2.97 21.01
N LEU B 176 11.39 2.54 20.38
CA LEU B 176 10.29 1.95 21.11
C LEU B 176 10.53 0.50 21.48
N ASN B 177 11.71 -0.04 21.17
CA ASN B 177 12.06 -1.44 21.44
C ASN B 177 11.09 -2.41 20.80
N MET B 178 10.55 -2.06 19.63
CA MET B 178 9.66 -2.97 18.92
C MET B 178 10.43 -3.94 18.04
N MET B 179 11.60 -3.55 17.56
CA MET B 179 12.47 -4.41 16.75
C MET B 179 13.90 -4.09 17.15
N PRO B 180 14.75 -5.09 17.37
CA PRO B 180 16.18 -4.81 17.59
C PRO B 180 16.78 -4.15 16.36
N GLU B 181 17.81 -3.33 16.59
CA GLU B 181 18.40 -2.57 15.49
C GLU B 181 19.00 -3.50 14.43
N GLU B 182 19.67 -4.57 14.85
CA GLU B 182 20.29 -5.46 13.87
C GLU B 182 19.24 -6.10 12.95
N LYS B 183 18.02 -6.36 13.47
CA LYS B 183 16.95 -6.88 12.63
C LYS B 183 16.40 -5.81 11.70
N LEU B 184 16.34 -4.56 12.17
CA LEU B 184 15.91 -3.47 11.30
C LEU B 184 16.91 -3.28 10.15
N VAL B 185 18.20 -3.34 10.47
CA VAL B 185 19.22 -3.21 9.43
C VAL B 185 19.13 -4.35 8.44
N GLU B 186 18.94 -5.58 8.94
CA GLU B 186 18.82 -6.73 8.05
C GLU B 186 17.65 -6.56 7.09
N ALA B 187 16.49 -6.16 7.61
CA ALA B 187 15.31 -6.00 6.77
C ALA B 187 15.50 -4.89 5.73
N LEU B 188 16.08 -3.76 6.14
CA LEU B 188 16.34 -2.69 5.20
C LEU B 188 17.33 -3.13 4.13
N ALA B 189 18.38 -3.84 4.54
CA ALA B 189 19.38 -4.32 3.59
C ALA B 189 18.76 -5.25 2.56
N ALA B 190 17.93 -6.18 3.01
CA ALA B 190 17.28 -7.13 2.10
C ALA B 190 16.32 -6.41 1.16
N ALA B 191 15.60 -5.40 1.67
CA ALA B 191 14.69 -4.62 0.83
C ALA B 191 15.47 -3.85 -0.23
N THR B 192 16.57 -3.21 0.16
CA THR B 192 17.36 -2.43 -0.77
C THR B 192 18.02 -3.34 -1.80
N GLU B 193 18.49 -4.51 -1.37
CA GLU B 193 19.06 -5.46 -2.31
C GLU B 193 17.99 -5.99 -3.27
N LYS B 194 16.76 -6.17 -2.77
CA LYS B 194 15.65 -6.56 -3.64
C LYS B 194 15.39 -5.49 -4.69
N GLN B 195 15.35 -4.22 -4.26
CA GLN B 195 15.14 -3.13 -5.20
C GLN B 195 16.25 -3.09 -6.25
N LYS B 196 17.49 -3.32 -5.84
CA LYS B 196 18.61 -3.31 -6.79
C LYS B 196 18.45 -4.41 -7.85
N LYS B 197 18.25 -5.66 -7.39
CA LYS B 197 18.14 -6.77 -8.32
C LYS B 197 16.98 -6.58 -9.29
N ALA B 198 15.82 -6.17 -8.77
CA ALA B 198 14.68 -5.93 -9.65
C ALA B 198 14.95 -4.78 -10.62
N LEU B 199 15.54 -3.69 -10.12
CA LEU B 199 15.87 -2.58 -11.00
C LEU B 199 16.89 -2.98 -12.05
N GLU B 200 17.80 -3.90 -11.71
CA GLU B 200 18.76 -4.39 -12.70
C GLU B 200 18.08 -5.13 -13.83
N LYS B 201 16.87 -5.64 -13.61
CA LYS B 201 16.11 -6.27 -14.69
CA LYS B 201 16.11 -6.26 -14.68
C LYS B 201 15.51 -5.25 -15.64
N LEU B 202 15.48 -3.99 -15.25
CA LEU B 202 14.86 -2.94 -16.04
C LEU B 202 15.84 -1.90 -16.53
N LEU B 203 16.86 -1.60 -15.73
CA LEU B 203 17.85 -0.65 -16.13
C LEU B 203 19.19 -1.16 -15.73
N PRO B 204 19.69 -2.24 -16.36
CA PRO B 204 20.97 -2.77 -15.94
C PRO B 204 22.16 -1.84 -16.05
#